data_3NM9
#
_entry.id   3NM9
#
_cell.length_a   44.750
_cell.length_b   71.700
_cell.length_c   89.020
_cell.angle_alpha   92.49
_cell.angle_beta   91.12
_cell.angle_gamma   107.10
#
_symmetry.space_group_name_H-M   'P 1'
#
loop_
_entity.id
_entity.type
_entity.pdbx_description
1 polymer 'High mobility group protein D'
2 polymer "DNA 5'-D(*G*GP*CP*GP*AP*TP*AP*TP*CP*GP*C)-3'"
3 water water
#
loop_
_entity_poly.entity_id
_entity_poly.type
_entity_poly.pdbx_seq_one_letter_code
_entity_poly.pdbx_strand_id
1 'polypeptide(L)' SDKPKRPLSAYALWLNSARESIKRENPGIKVTEVAKRGGELWRAMKDKSEWEAKAAKAKDDYDRAVKEFEANG A,D,G,J,M,P
2 'polydeoxyribonucleotide' (DG)(DG)(DC)(DG)(DA)(DT)(DA)(DT)(DC)(DG)(DC) B,C,E,F,H,I,K,L,N,O
#
# COMPACT_ATOMS: atom_id res chain seq x y z
N SER A 1 -13.11 36.58 -12.02
CA SER A 1 -13.70 37.50 -10.99
C SER A 1 -14.54 36.75 -9.93
N ASP A 2 -14.94 37.47 -8.88
CA ASP A 2 -15.73 36.92 -7.75
C ASP A 2 -16.76 35.83 -8.12
N LYS A 3 -16.67 34.67 -7.45
CA LYS A 3 -17.62 33.58 -7.65
C LYS A 3 -18.96 33.91 -6.96
N PRO A 4 -20.10 33.50 -7.57
CA PRO A 4 -21.40 33.94 -7.03
C PRO A 4 -21.71 33.35 -5.67
N LYS A 5 -22.43 34.11 -4.87
CA LYS A 5 -22.99 33.58 -3.63
C LYS A 5 -24.06 32.55 -4.00
N ARG A 6 -24.29 31.60 -3.09
CA ARG A 6 -25.29 30.54 -3.27
C ARG A 6 -26.70 31.13 -3.32
N PRO A 7 -27.61 30.51 -4.07
CA PRO A 7 -28.92 31.13 -4.21
C PRO A 7 -29.69 31.17 -2.88
N LEU A 8 -30.57 32.16 -2.74
CA LEU A 8 -31.46 32.20 -1.58
C LEU A 8 -32.48 31.07 -1.71
N SER A 9 -32.95 30.58 -0.56
CA SER A 9 -33.87 29.45 -0.52
C SER A 9 -35.32 29.92 -0.42
N ALA A 10 -36.25 29.12 -0.94
CA ALA A 10 -37.69 29.40 -0.73
C ALA A 10 -37.93 29.98 0.65
N TYR A 11 -37.42 29.30 1.68
CA TYR A 11 -37.58 29.77 3.05
C TYR A 11 -37.01 31.17 3.23
N ALA A 12 -35.75 31.36 2.85
CA ALA A 12 -35.06 32.64 3.06
C ALA A 12 -35.73 33.77 2.29
N LEU A 13 -36.19 33.48 1.06
CA LEU A 13 -36.92 34.47 0.27
C LEU A 13 -38.19 34.90 0.97
N TRP A 14 -39.10 33.95 1.24
CA TRP A 14 -40.31 34.24 1.99
C TRP A 14 -39.98 35.12 3.19
N LEU A 15 -39.09 34.65 4.05
CA LEU A 15 -38.74 35.38 5.26
C LEU A 15 -38.46 36.86 4.99
N ASN A 16 -37.54 37.14 4.07
CA ASN A 16 -37.28 38.52 3.63
C ASN A 16 -38.58 39.29 3.38
N SER A 17 -39.49 38.70 2.61
CA SER A 17 -40.77 39.34 2.31
C SER A 17 -41.71 39.41 3.51
N ALA A 18 -41.49 38.53 4.49
CA ALA A 18 -42.46 38.39 5.57
C ALA A 18 -41.90 38.75 6.93
N ARG A 19 -40.73 39.39 6.96
CA ARG A 19 -40.12 39.80 8.20
C ARG A 19 -40.93 40.90 8.90
N GLU A 20 -41.06 42.06 8.25
CA GLU A 20 -41.68 43.23 8.84
C GLU A 20 -43.13 42.98 9.28
N SER A 21 -43.77 41.96 8.70
CA SER A 21 -45.11 41.53 9.10
C SER A 21 -45.10 40.85 10.47
N ILE A 22 -44.24 39.83 10.61
CA ILE A 22 -44.02 39.14 11.89
C ILE A 22 -43.74 40.17 12.98
N LYS A 23 -42.82 41.09 12.69
CA LYS A 23 -42.50 42.22 13.57
C LYS A 23 -43.71 43.02 14.09
N ARG A 24 -44.64 43.35 13.17
CA ARG A 24 -45.85 44.12 13.50
C ARG A 24 -46.88 43.31 14.31
N GLU A 25 -47.01 42.03 13.97
CA GLU A 25 -47.89 41.11 14.69
C GLU A 25 -47.33 40.77 16.07
N ASN A 26 -46.07 41.12 16.30
CA ASN A 26 -45.39 40.87 17.58
C ASN A 26 -44.45 42.03 17.96
N PRO A 27 -45.03 43.22 18.25
CA PRO A 27 -44.24 44.46 18.42
C PRO A 27 -43.10 44.33 19.45
N GLY A 28 -41.96 44.96 19.13
CA GLY A 28 -40.75 44.86 19.96
C GLY A 28 -40.30 43.43 20.14
N ILE A 29 -40.34 42.66 19.05
CA ILE A 29 -39.87 41.27 19.02
C ILE A 29 -38.35 41.19 19.11
N LYS A 30 -37.86 40.24 19.91
CA LYS A 30 -36.45 39.90 19.97
C LYS A 30 -36.09 39.01 18.78
N VAL A 31 -35.05 39.41 18.03
CA VAL A 31 -34.65 38.76 16.76
C VAL A 31 -34.48 37.23 16.84
N THR A 32 -34.11 36.76 18.04
CA THR A 32 -34.13 35.37 18.42
C THR A 32 -35.50 34.73 18.09
N GLU A 33 -36.56 35.37 18.58
CA GLU A 33 -37.92 34.84 18.46
C GLU A 33 -38.55 35.05 17.08
N VAL A 34 -38.15 36.13 16.39
CA VAL A 34 -38.51 36.33 14.97
C VAL A 34 -38.10 35.12 14.14
N ALA A 35 -36.89 34.62 14.39
CA ALA A 35 -36.38 33.43 13.73
C ALA A 35 -37.30 32.24 14.01
N LYS A 36 -37.61 32.05 15.29
CA LYS A 36 -38.48 30.97 15.75
C LYS A 36 -39.87 31.06 15.10
N ARG A 37 -40.53 32.19 15.30
CA ARG A 37 -41.88 32.43 14.76
C ARG A 37 -41.92 32.32 13.25
N GLY A 38 -40.78 32.66 12.63
CA GLY A 38 -40.60 32.47 11.20
C GLY A 38 -40.69 31.00 10.86
N GLY A 39 -39.99 30.18 11.64
CA GLY A 39 -40.03 28.73 11.48
C GLY A 39 -41.46 28.24 11.57
N GLU A 40 -42.11 28.59 12.68
CA GLU A 40 -43.49 28.18 12.97
C GLU A 40 -44.44 28.45 11.81
N LEU A 41 -44.35 29.66 11.25
CA LEU A 41 -45.19 30.06 10.12
C LEU A 41 -44.79 29.36 8.83
N TRP A 42 -43.50 29.07 8.68
CA TRP A 42 -43.01 28.37 7.48
C TRP A 42 -43.47 26.92 7.43
N ARG A 43 -43.46 26.26 8.58
CA ARG A 43 -43.91 24.87 8.67
C ARG A 43 -45.44 24.77 8.55
N ALA A 44 -46.14 25.77 9.11
CA ALA A 44 -47.58 25.88 9.03
C ALA A 44 -48.08 26.21 7.62
N MET A 45 -47.24 26.89 6.84
CA MET A 45 -47.60 27.38 5.50
C MET A 45 -47.88 26.22 4.54
N LYS A 46 -49.11 26.13 4.05
CA LYS A 46 -49.53 25.01 3.19
C LYS A 46 -49.32 25.29 1.70
N ASP A 47 -49.43 26.56 1.30
CA ASP A 47 -49.16 26.99 -0.08
C ASP A 47 -47.77 27.65 -0.16
N LYS A 48 -46.80 26.89 -0.67
CA LYS A 48 -45.41 27.33 -0.74
C LYS A 48 -44.93 27.59 -2.18
N SER A 49 -45.86 27.50 -3.14
CA SER A 49 -45.52 27.49 -4.57
C SER A 49 -44.86 28.80 -5.01
N GLU A 50 -45.35 29.93 -4.51
CA GLU A 50 -44.75 31.24 -4.81
C GLU A 50 -43.25 31.19 -4.52
N TRP A 51 -42.93 30.62 -3.37
CA TRP A 51 -41.58 30.65 -2.87
C TRP A 51 -40.70 29.55 -3.44
N GLU A 52 -41.31 28.42 -3.82
CA GLU A 52 -40.57 27.36 -4.50
C GLU A 52 -40.22 27.79 -5.92
N ALA A 53 -41.17 28.48 -6.58
CA ALA A 53 -40.98 28.98 -7.95
C ALA A 53 -40.01 30.15 -7.98
N LYS A 54 -40.13 31.05 -7.01
CA LYS A 54 -39.13 32.09 -6.84
C LYS A 54 -37.76 31.47 -6.54
N ALA A 55 -37.75 30.45 -5.68
CA ALA A 55 -36.53 29.70 -5.36
C ALA A 55 -35.92 29.03 -6.58
N ALA A 56 -36.77 28.54 -7.49
CA ALA A 56 -36.31 27.85 -8.71
C ALA A 56 -35.59 28.79 -9.68
N LYS A 57 -36.18 29.96 -9.92
CA LYS A 57 -35.52 30.98 -10.73
C LYS A 57 -34.18 31.36 -10.10
N ALA A 58 -34.17 31.52 -8.77
CA ALA A 58 -32.96 31.83 -8.00
C ALA A 58 -31.86 30.80 -8.23
N LYS A 59 -32.25 29.54 -8.32
CA LYS A 59 -31.30 28.45 -8.57
C LYS A 59 -30.82 28.53 -10.01
N ASP A 60 -31.77 28.72 -10.92
CA ASP A 60 -31.53 28.78 -12.36
C ASP A 60 -30.54 29.88 -12.75
N ASP A 61 -30.74 31.07 -12.20
CA ASP A 61 -29.82 32.20 -12.38
C ASP A 61 -28.45 31.90 -11.80
N TYR A 62 -28.42 31.27 -10.63
CA TYR A 62 -27.15 30.94 -9.97
C TYR A 62 -26.38 29.84 -10.70
N ASP A 63 -27.09 28.90 -11.31
CA ASP A 63 -26.43 27.89 -12.13
C ASP A 63 -25.87 28.53 -13.39
N ARG A 64 -26.67 29.43 -13.98
CA ARG A 64 -26.27 30.19 -15.16
C ARG A 64 -25.00 31.01 -14.88
N ALA A 65 -25.05 31.84 -13.83
CA ALA A 65 -23.92 32.67 -13.42
C ALA A 65 -22.70 31.88 -12.91
N VAL A 66 -22.92 30.64 -12.43
CA VAL A 66 -21.83 29.76 -12.02
C VAL A 66 -21.07 29.21 -13.22
N LYS A 67 -21.83 28.83 -14.25
CA LYS A 67 -21.28 28.32 -15.52
C LYS A 67 -20.35 29.34 -16.17
N GLU A 68 -20.82 30.59 -16.23
CA GLU A 68 -20.13 31.65 -16.95
C GLU A 68 -19.04 32.38 -16.14
N PHE A 69 -18.66 31.81 -15.00
CA PHE A 69 -17.50 32.31 -14.23
C PHE A 69 -16.37 31.29 -14.13
N GLU A 70 -16.64 30.07 -14.59
CA GLU A 70 -15.61 29.05 -14.79
C GLU A 70 -14.86 29.35 -16.10
N ALA A 71 -15.54 30.04 -17.01
CA ALA A 71 -14.97 30.46 -18.30
C ALA A 71 -14.10 31.71 -18.17
N ASN A 72 -14.73 32.86 -17.90
CA ASN A 72 -13.99 34.11 -17.70
C ASN A 72 -13.41 34.27 -16.29
N GLY A 73 -12.34 33.51 -16.03
CA GLY A 73 -11.74 33.43 -14.70
C GLY A 73 -10.86 34.62 -14.33
N SER B 1 23.66 3.67 -19.83
CA SER B 1 23.87 4.36 -18.53
C SER B 1 23.42 3.49 -17.36
N ASP B 2 22.32 3.90 -16.71
CA ASP B 2 21.73 3.17 -15.58
C ASP B 2 20.95 1.97 -16.10
N LYS B 3 21.14 0.81 -15.46
CA LYS B 3 20.29 -0.35 -15.75
C LYS B 3 18.86 -0.09 -15.28
N PRO B 4 17.87 -0.50 -16.10
CA PRO B 4 16.48 -0.29 -15.70
C PRO B 4 16.25 -0.76 -14.29
N LYS B 5 15.42 -0.02 -13.56
CA LYS B 5 14.96 -0.44 -12.24
C LYS B 5 13.92 -1.51 -12.47
N ARG B 6 13.72 -2.37 -11.48
CA ARG B 6 12.69 -3.41 -11.55
C ARG B 6 11.34 -2.77 -11.77
N PRO B 7 10.44 -3.45 -12.50
CA PRO B 7 9.13 -2.88 -12.77
C PRO B 7 8.23 -2.93 -11.52
N LEU B 8 7.27 -2.01 -11.45
CA LEU B 8 6.36 -1.93 -10.32
C LEU B 8 5.36 -3.08 -10.30
N SER B 9 5.11 -3.63 -9.13
CA SER B 9 4.16 -4.75 -8.99
C SER B 9 2.71 -4.30 -9.10
N ALA B 10 1.83 -5.25 -9.40
CA ALA B 10 0.38 -5.00 -9.39
C ALA B 10 0.01 -4.28 -8.09
N TYR B 11 0.48 -4.82 -6.96
CA TYR B 11 0.20 -4.28 -5.65
C TYR B 11 0.86 -2.92 -5.45
N ALA B 12 2.07 -2.76 -5.95
CA ALA B 12 2.79 -1.50 -5.76
C ALA B 12 2.09 -0.40 -6.51
N LEU B 13 1.47 -0.75 -7.65
CA LEU B 13 0.76 0.19 -8.51
C LEU B 13 -0.59 0.55 -7.92
N TRP B 14 -1.35 -0.45 -7.48
CA TRP B 14 -2.61 -0.19 -6.80
C TRP B 14 -2.37 0.72 -5.61
N LEU B 15 -1.48 0.31 -4.70
CA LEU B 15 -1.13 1.09 -3.51
C LEU B 15 -0.77 2.57 -3.77
N ASN B 16 -0.11 2.89 -4.88
CA ASN B 16 0.24 4.29 -5.15
C ASN B 16 -1.01 5.11 -5.31
N SER B 17 -2.05 4.49 -5.86
CA SER B 17 -3.30 5.18 -6.09
C SER B 17 -4.25 5.12 -4.90
N ALA B 18 -3.93 4.31 -3.89
CA ALA B 18 -4.88 4.03 -2.80
C ALA B 18 -4.31 4.45 -1.48
N ARG B 19 -3.06 4.92 -1.52
CA ARG B 19 -2.31 5.32 -0.34
C ARG B 19 -3.08 6.40 0.40
N GLU B 20 -3.49 7.44 -0.34
CA GLU B 20 -4.12 8.59 0.27
C GLU B 20 -5.49 8.31 0.87
N SER B 21 -6.22 7.35 0.32
CA SER B 21 -7.49 6.94 0.92
C SER B 21 -7.24 6.20 2.23
N ILE B 22 -6.17 5.41 2.29
CA ILE B 22 -5.80 4.75 3.55
C ILE B 22 -5.43 5.80 4.61
N LYS B 23 -4.70 6.82 4.21
CA LYS B 23 -4.37 7.93 5.09
C LYS B 23 -5.63 8.69 5.54
N ARG B 24 -6.60 8.82 4.63
CA ARG B 24 -7.89 9.45 4.91
C ARG B 24 -8.75 8.69 5.91
N GLU B 25 -8.66 7.36 5.90
CA GLU B 25 -9.51 6.50 6.76
C GLU B 25 -8.91 6.23 8.13
N ASN B 26 -7.61 6.46 8.25
CA ASN B 26 -6.86 6.22 9.48
C ASN B 26 -5.93 7.39 9.76
N PRO B 27 -6.48 8.52 10.26
CA PRO B 27 -5.62 9.68 10.52
C PRO B 27 -4.50 9.38 11.52
N GLY B 28 -3.29 9.78 11.16
CA GLY B 28 -2.14 9.64 12.05
C GLY B 28 -1.55 8.25 12.04
N ILE B 29 -1.94 7.44 11.06
CA ILE B 29 -1.43 6.09 10.89
C ILE B 29 0.05 6.11 10.51
N LYS B 30 0.83 5.24 11.14
CA LYS B 30 2.26 5.11 10.85
C LYS B 30 2.48 4.30 9.57
N VAL B 31 3.55 4.61 8.85
CA VAL B 31 3.90 3.98 7.58
C VAL B 31 3.80 2.47 7.63
N THR B 32 4.30 1.91 8.71
CA THR B 32 4.24 0.49 8.99
C THR B 32 2.80 -0.02 8.95
N GLU B 33 1.92 0.67 9.68
CA GLU B 33 0.50 0.30 9.78
C GLU B 33 -0.22 0.52 8.45
N VAL B 34 0.23 1.51 7.67
CA VAL B 34 -0.28 1.78 6.31
C VAL B 34 0.03 0.63 5.35
N ALA B 35 1.21 0.03 5.52
CA ALA B 35 1.60 -1.06 4.67
C ALA B 35 0.73 -2.27 4.96
N LYS B 36 0.53 -2.56 6.24
CA LYS B 36 -0.18 -3.75 6.73
C LYS B 36 -1.64 -3.65 6.34
N ARG B 37 -2.15 -2.42 6.31
CA ARG B 37 -3.49 -2.11 5.84
C ARG B 37 -3.57 -2.24 4.33
N GLY B 38 -2.57 -1.68 3.64
CA GLY B 38 -2.42 -1.89 2.21
C GLY B 38 -2.43 -3.37 1.87
N GLY B 39 -1.81 -4.17 2.72
CA GLY B 39 -1.79 -5.61 2.52
C GLY B 39 -3.16 -6.19 2.75
N GLU B 40 -3.78 -5.77 3.84
CA GLU B 40 -5.09 -6.29 4.26
C GLU B 40 -6.12 -6.07 3.18
N LEU B 41 -6.07 -4.92 2.54
CA LEU B 41 -7.00 -4.58 1.46
C LEU B 41 -6.66 -5.33 0.18
N TRP B 42 -5.38 -5.39 -0.19
CA TRP B 42 -4.97 -6.10 -1.40
C TRP B 42 -5.47 -7.55 -1.34
N ARG B 43 -5.21 -8.23 -0.23
CA ARG B 43 -5.67 -9.63 -0.04
C ARG B 43 -7.21 -9.82 -0.04
N ALA B 44 -7.96 -8.79 0.36
CA ALA B 44 -9.42 -8.81 0.29
C ALA B 44 -9.99 -8.49 -1.10
N MET B 45 -9.14 -8.01 -2.00
CA MET B 45 -9.63 -7.53 -3.28
C MET B 45 -9.95 -8.66 -4.27
N LYS B 46 -11.22 -8.73 -4.68
CA LYS B 46 -11.69 -9.74 -5.64
C LYS B 46 -11.19 -9.51 -7.05
N ASP B 47 -11.41 -8.29 -7.56
CA ASP B 47 -11.03 -7.93 -8.90
C ASP B 47 -9.70 -7.16 -8.92
N LYS B 48 -8.64 -7.85 -9.33
CA LYS B 48 -7.33 -7.27 -9.43
C LYS B 48 -6.97 -6.91 -10.86
N SER B 49 -7.88 -7.17 -11.80
CA SER B 49 -7.60 -7.04 -13.23
C SER B 49 -6.87 -5.74 -13.61
N GLU B 50 -7.45 -4.59 -13.24
CA GLU B 50 -6.86 -3.29 -13.59
C GLU B 50 -5.36 -3.26 -13.26
N TRP B 51 -5.04 -3.71 -12.06
CA TRP B 51 -3.69 -3.57 -11.54
C TRP B 51 -2.75 -4.63 -12.08
N GLU B 52 -3.31 -5.76 -12.49
CA GLU B 52 -2.53 -6.83 -13.09
C GLU B 52 -2.24 -6.51 -14.56
N ALA B 53 -3.17 -5.82 -15.21
CA ALA B 53 -2.97 -5.35 -16.57
C ALA B 53 -1.84 -4.33 -16.62
N LYS B 54 -1.87 -3.37 -15.71
CA LYS B 54 -0.88 -2.30 -15.68
C LYS B 54 0.46 -2.89 -15.30
N ALA B 55 0.43 -3.81 -14.34
CA ALA B 55 1.62 -4.58 -13.96
C ALA B 55 2.25 -5.32 -15.12
N ALA B 56 1.42 -5.86 -16.01
CA ALA B 56 1.89 -6.66 -17.15
C ALA B 56 2.59 -5.77 -18.16
N LYS B 57 1.89 -4.72 -18.61
CA LYS B 57 2.49 -3.74 -19.53
C LYS B 57 3.79 -3.16 -18.95
N ALA B 58 3.83 -3.05 -17.62
CA ALA B 58 5.00 -2.57 -16.93
C ALA B 58 6.17 -3.51 -17.11
N LYS B 59 5.89 -4.82 -17.11
CA LYS B 59 6.96 -5.79 -17.28
C LYS B 59 7.36 -5.98 -18.75
N ASP B 60 6.45 -5.67 -19.68
CA ASP B 60 6.80 -5.63 -21.08
C ASP B 60 7.81 -4.51 -21.32
N ASP B 61 7.34 -3.26 -21.20
CA ASP B 61 8.20 -2.07 -21.12
C ASP B 61 9.57 -2.36 -20.51
N TYR B 62 9.57 -2.89 -19.29
CA TYR B 62 10.79 -3.16 -18.53
C TYR B 62 11.76 -4.08 -19.25
N ASP B 63 11.24 -5.17 -19.81
CA ASP B 63 12.05 -6.18 -20.47
C ASP B 63 12.57 -5.69 -21.84
N ARG B 64 11.81 -4.78 -22.46
CA ARG B 64 12.31 -4.00 -23.60
C ARG B 64 13.53 -3.20 -23.15
N ALA B 65 13.32 -2.29 -22.20
CA ALA B 65 14.40 -1.47 -21.65
C ALA B 65 15.61 -2.29 -21.18
N VAL B 66 15.39 -3.53 -20.76
CA VAL B 66 16.50 -4.39 -20.34
C VAL B 66 17.27 -4.93 -21.53
N LYS B 67 16.55 -5.32 -22.58
CA LYS B 67 17.21 -5.77 -23.81
C LYS B 67 18.08 -4.65 -24.36
N GLU B 68 17.49 -3.48 -24.53
CA GLU B 68 18.15 -2.27 -25.02
C GLU B 68 19.40 -1.90 -24.21
N PHE B 69 19.38 -2.16 -22.91
CA PHE B 69 20.54 -1.93 -22.06
C PHE B 69 21.66 -2.94 -22.28
N GLU B 70 21.34 -4.23 -22.23
CA GLU B 70 22.34 -5.29 -22.53
C GLU B 70 22.92 -5.05 -23.91
N ALA B 71 22.05 -4.63 -24.82
CA ALA B 71 22.33 -4.48 -26.24
C ALA B 71 23.33 -3.36 -26.56
N ASN B 72 23.22 -2.26 -25.84
CA ASN B 72 23.89 -1.03 -26.24
C ASN B 72 24.82 -0.50 -25.17
N GLY B 73 25.51 -1.42 -24.51
CA GLY B 73 26.48 -1.09 -23.49
C GLY B 73 27.83 -0.79 -24.10
N SER C 1 7.63 -0.97 31.20
CA SER C 1 8.85 -1.42 30.47
C SER C 1 9.08 -0.52 29.26
N ASP C 2 10.33 -0.08 29.09
CA ASP C 2 10.75 0.65 27.90
C ASP C 2 10.88 -0.28 26.69
N LYS C 3 10.63 0.30 25.51
CA LYS C 3 10.89 -0.36 24.23
C LYS C 3 12.40 -0.59 24.04
N PRO C 4 12.79 -1.80 23.64
CA PRO C 4 14.19 -2.05 23.25
C PRO C 4 14.58 -1.14 22.10
N LYS C 5 15.70 -0.43 22.24
CA LYS C 5 16.22 0.41 21.17
C LYS C 5 16.67 -0.48 20.04
N ARG C 6 16.56 0.00 18.80
CA ARG C 6 16.94 -0.78 17.63
C ARG C 6 18.41 -1.15 17.78
N PRO C 7 18.82 -2.33 17.30
CA PRO C 7 20.17 -2.80 17.52
C PRO C 7 21.18 -2.01 16.71
N LEU C 8 22.44 -2.01 17.12
CA LEU C 8 23.45 -1.24 16.38
C LEU C 8 23.95 -2.00 15.18
N SER C 9 24.18 -1.28 14.08
CA SER C 9 24.73 -1.88 12.87
C SER C 9 26.24 -2.16 12.98
N ALA C 10 26.77 -2.93 12.03
CA ALA C 10 28.20 -3.25 12.05
C ALA C 10 29.06 -1.98 11.94
N TYR C 11 28.66 -1.06 11.08
CA TYR C 11 29.38 0.19 10.99
C TYR C 11 29.29 0.96 12.30
N ALA C 12 28.09 0.99 12.89
CA ALA C 12 27.85 1.75 14.09
C ALA C 12 28.74 1.24 15.22
N LEU C 13 28.95 -0.07 15.26
CA LEU C 13 29.77 -0.68 16.28
C LEU C 13 31.24 -0.36 16.05
N TRP C 14 31.70 -0.53 14.80
CA TRP C 14 33.09 -0.26 14.49
C TRP C 14 33.40 1.20 14.81
N LEU C 15 32.60 2.12 14.26
CA LEU C 15 32.78 3.56 14.47
C LEU C 15 32.92 3.91 15.94
N ASN C 16 32.04 3.32 16.77
CA ASN C 16 32.10 3.51 18.22
C ASN C 16 33.44 3.11 18.79
N SER C 17 33.94 1.95 18.35
CA SER C 17 35.23 1.46 18.80
C SER C 17 36.39 2.16 18.11
N ALA C 18 36.10 3.16 17.28
CA ALA C 18 37.15 3.73 16.43
C ALA C 18 37.19 5.25 16.44
N ARG C 19 36.19 5.88 17.07
CA ARG C 19 36.19 7.34 17.25
C ARG C 19 37.49 7.82 17.89
N GLU C 20 37.86 7.17 19.00
CA GLU C 20 39.08 7.45 19.74
C GLU C 20 40.28 7.48 18.83
N SER C 21 40.47 6.40 18.10
CA SER C 21 41.61 6.26 17.19
C SER C 21 41.63 7.32 16.08
N ILE C 22 40.46 7.60 15.50
CA ILE C 22 40.35 8.64 14.49
C ILE C 22 40.79 9.99 15.08
N LYS C 23 40.32 10.31 16.29
CA LYS C 23 40.71 11.55 16.99
C LYS C 23 42.22 11.68 17.18
N ARG C 24 42.86 10.60 17.60
CA ARG C 24 44.29 10.58 17.81
C ARG C 24 45.06 10.90 16.55
N GLU C 25 44.43 10.66 15.39
CA GLU C 25 45.13 10.72 14.11
C GLU C 25 44.81 12.00 13.35
N ASN C 26 43.78 12.70 13.79
CA ASN C 26 43.41 13.97 13.19
C ASN C 26 43.06 14.97 14.29
N PRO C 27 44.04 15.33 15.14
CA PRO C 27 43.76 16.21 16.27
C PRO C 27 42.89 17.43 15.91
N GLY C 28 41.92 17.71 16.77
CA GLY C 28 41.07 18.89 16.62
C GLY C 28 39.99 18.73 15.58
N ILE C 29 39.83 17.49 15.10
CA ILE C 29 38.86 17.13 14.05
C ILE C 29 37.43 17.46 14.47
N LYS C 30 36.67 18.04 13.53
CA LYS C 30 35.26 18.36 13.77
C LYS C 30 34.37 17.14 13.52
N VAL C 31 33.21 17.09 14.18
CA VAL C 31 32.29 15.95 14.13
C VAL C 31 31.85 15.47 12.74
N THR C 32 31.83 16.37 11.77
CA THR C 32 31.42 16.04 10.40
C THR C 32 32.59 15.46 9.59
N GLU C 33 33.81 15.76 10.03
CA GLU C 33 35.01 15.18 9.44
C GLU C 33 35.16 13.71 9.86
N VAL C 34 34.81 13.42 11.11
CA VAL C 34 34.93 12.08 11.70
C VAL C 34 33.98 11.12 11.00
N ALA C 35 32.75 11.57 10.79
CA ALA C 35 31.79 10.88 9.95
C ALA C 35 32.38 10.50 8.57
N LYS C 36 32.92 11.49 7.86
CA LYS C 36 33.49 11.28 6.52
C LYS C 36 34.69 10.31 6.51
N ARG C 37 35.53 10.39 7.53
CA ARG C 37 36.71 9.51 7.65
C ARG C 37 36.39 8.09 8.18
N GLY C 38 35.33 8.00 8.98
CA GLY C 38 34.78 6.70 9.38
C GLY C 38 34.18 6.00 8.16
N GLY C 39 33.67 6.80 7.23
CA GLY C 39 33.10 6.31 5.99
C GLY C 39 34.07 5.57 5.10
N GLU C 40 35.32 6.04 5.04
CA GLU C 40 36.31 5.53 4.07
C GLU C 40 37.32 4.55 4.66
N LEU C 41 37.49 4.56 5.97
CA LEU C 41 38.28 3.53 6.63
C LEU C 41 37.48 2.23 6.66
N TRP C 42 36.16 2.36 6.57
CA TRP C 42 35.22 1.23 6.55
C TRP C 42 35.23 0.57 5.18
N ARG C 43 34.91 1.37 4.15
CA ARG C 43 34.88 0.87 2.77
C ARG C 43 36.19 0.17 2.42
N ALA C 44 37.31 0.77 2.80
CA ALA C 44 38.62 0.15 2.63
C ALA C 44 38.81 -1.07 3.52
N MET C 45 38.02 -1.22 4.57
CA MET C 45 38.24 -2.32 5.49
C MET C 45 37.94 -3.65 4.83
N LYS C 46 39.00 -4.43 4.58
CA LYS C 46 38.85 -5.69 3.87
C LYS C 46 38.32 -6.79 4.75
N ASP C 47 38.66 -6.75 6.04
CA ASP C 47 38.17 -7.75 6.98
C ASP C 47 37.18 -7.15 7.99
N LYS C 48 35.90 -7.23 7.65
CA LYS C 48 34.83 -6.71 8.49
C LYS C 48 34.19 -7.78 9.42
N SER C 49 34.85 -8.92 9.58
CA SER C 49 34.18 -10.07 10.19
C SER C 49 33.76 -9.84 11.64
N GLU C 50 34.70 -9.30 12.43
CA GLU C 50 34.51 -9.04 13.86
C GLU C 50 33.25 -8.23 14.10
N TRP C 51 33.10 -7.14 13.36
CA TRP C 51 32.02 -6.18 13.59
C TRP C 51 30.71 -6.64 12.98
N GLU C 52 30.80 -7.54 12.00
CA GLU C 52 29.62 -8.21 11.46
C GLU C 52 29.10 -9.28 12.41
N ALA C 53 30.00 -10.02 13.05
CA ALA C 53 29.64 -10.96 14.11
C ALA C 53 28.93 -10.27 15.27
N LYS C 54 29.44 -9.12 15.68
CA LYS C 54 28.87 -8.41 16.82
C LYS C 54 27.49 -7.84 16.49
N ALA C 55 27.34 -7.30 15.28
CA ALA C 55 26.05 -6.76 14.84
C ALA C 55 24.98 -7.83 14.74
N ALA C 56 25.41 -9.06 14.46
CA ALA C 56 24.52 -10.20 14.34
C ALA C 56 23.99 -10.61 15.71
N LYS C 57 24.88 -10.94 16.64
CA LYS C 57 24.48 -11.24 18.02
C LYS C 57 23.52 -10.19 18.58
N ALA C 58 23.90 -8.92 18.46
CA ALA C 58 23.03 -7.81 18.85
C ALA C 58 21.62 -7.96 18.28
N LYS C 59 21.54 -8.35 17.01
CA LYS C 59 20.27 -8.54 16.31
C LYS C 59 19.49 -9.73 16.85
N ASP C 60 20.15 -10.88 17.01
CA ASP C 60 19.53 -12.06 17.60
C ASP C 60 18.91 -11.76 18.99
N ASP C 61 19.74 -11.21 19.86
CA ASP C 61 19.31 -10.74 21.18
C ASP C 61 18.15 -9.77 21.05
N TYR C 62 18.31 -8.74 20.25
CA TYR C 62 17.26 -7.74 20.06
C TYR C 62 15.96 -8.37 19.58
N ASP C 63 16.05 -9.23 18.56
CA ASP C 63 14.90 -9.93 18.00
C ASP C 63 14.14 -10.72 19.08
N ARG C 64 14.89 -11.41 19.94
CA ARG C 64 14.29 -12.17 21.03
C ARG C 64 13.77 -11.28 22.15
N ALA C 65 14.37 -10.11 22.33
CA ALA C 65 13.89 -9.10 23.29
C ALA C 65 12.62 -8.40 22.80
N VAL C 66 12.46 -8.30 21.49
CA VAL C 66 11.23 -7.74 20.92
C VAL C 66 10.12 -8.75 21.17
N LYS C 67 10.41 -10.03 20.94
CA LYS C 67 9.53 -11.13 21.29
C LYS C 67 9.07 -11.06 22.75
N GLU C 68 9.94 -10.55 23.63
CA GLU C 68 9.59 -10.33 25.03
C GLU C 68 8.62 -9.18 25.20
N PHE C 69 9.08 -7.95 24.91
CA PHE C 69 8.28 -6.73 25.02
C PHE C 69 6.88 -6.92 24.45
N GLU C 70 6.80 -7.20 23.15
CA GLU C 70 5.51 -7.38 22.47
C GLU C 70 4.98 -8.80 22.65
N ALA C 71 4.70 -9.14 23.90
CA ALA C 71 4.03 -10.38 24.30
C ALA C 71 3.75 -10.37 25.81
N ASN C 72 4.78 -9.99 26.58
CA ASN C 72 4.69 -9.86 28.02
C ASN C 72 4.46 -8.41 28.45
N GLY C 73 3.65 -7.70 27.65
CA GLY C 73 3.14 -6.36 27.97
C GLY C 73 4.16 -5.30 28.34
N SER D 1 33.01 -16.21 -14.90
CA SER D 1 32.31 -15.82 -16.16
C SER D 1 31.77 -14.38 -16.05
N ASP D 2 30.54 -14.17 -16.50
CA ASP D 2 29.90 -12.86 -16.43
C ASP D 2 29.45 -12.48 -14.99
N LYS D 3 28.17 -12.11 -14.87
CA LYS D 3 27.57 -11.64 -13.63
C LYS D 3 27.91 -12.53 -12.43
N PRO D 4 28.33 -11.90 -11.31
CA PRO D 4 28.36 -12.58 -10.02
C PRO D 4 26.94 -12.84 -9.56
N LYS D 5 26.65 -14.09 -9.18
CA LYS D 5 25.34 -14.43 -8.67
C LYS D 5 25.21 -13.99 -7.22
N ARG D 6 24.00 -13.56 -6.85
CA ARG D 6 23.70 -13.10 -5.50
C ARG D 6 24.14 -14.09 -4.45
N PRO D 7 24.67 -13.61 -3.32
CA PRO D 7 25.15 -14.57 -2.32
C PRO D 7 23.96 -15.20 -1.62
N LEU D 8 24.20 -16.34 -0.98
CA LEU D 8 23.18 -17.09 -0.29
C LEU D 8 22.87 -16.47 1.08
N SER D 9 21.58 -16.25 1.37
CA SER D 9 21.12 -15.74 2.69
C SER D 9 21.43 -16.69 3.86
N ALA D 10 21.34 -16.15 5.08
CA ALA D 10 21.68 -16.90 6.30
C ALA D 10 20.81 -18.13 6.50
N TYR D 11 19.49 -17.96 6.46
CA TYR D 11 18.58 -19.11 6.46
C TYR D 11 18.94 -20.05 5.32
N ALA D 12 19.13 -19.51 4.12
CA ALA D 12 19.50 -20.30 2.94
C ALA D 12 20.73 -21.17 3.12
N LEU D 13 21.78 -20.61 3.77
CA LEU D 13 23.04 -21.34 3.98
C LEU D 13 22.90 -22.41 5.03
N TRP D 14 21.94 -22.23 5.92
CA TRP D 14 21.66 -23.20 6.94
C TRP D 14 20.79 -24.31 6.41
N LEU D 15 19.75 -23.95 5.66
CA LEU D 15 18.89 -24.91 4.98
C LEU D 15 19.70 -25.94 4.20
N ASN D 16 20.73 -25.49 3.47
CA ASN D 16 21.65 -26.38 2.77
C ASN D 16 22.41 -27.35 3.71
N SER D 17 22.36 -27.10 5.01
CA SER D 17 22.99 -27.98 5.98
C SER D 17 21.95 -28.64 6.89
N ALA D 18 20.70 -28.69 6.44
CA ALA D 18 19.60 -29.26 7.23
C ALA D 18 18.56 -29.95 6.35
N ARG D 19 18.68 -29.74 5.04
CA ARG D 19 17.76 -30.32 4.08
C ARG D 19 17.65 -31.83 4.27
N GLU D 20 18.81 -32.49 4.37
CA GLU D 20 18.89 -33.96 4.51
C GLU D 20 18.21 -34.42 5.78
N SER D 21 18.51 -33.71 6.87
CA SER D 21 17.91 -33.95 8.18
C SER D 21 16.38 -33.85 8.17
N ILE D 22 15.84 -32.86 7.47
CA ILE D 22 14.40 -32.70 7.39
C ILE D 22 13.83 -33.83 6.52
N LYS D 23 14.48 -34.08 5.37
CA LYS D 23 14.02 -35.11 4.44
C LYS D 23 14.00 -36.46 5.12
N ARG D 24 14.86 -36.63 6.13
CA ARG D 24 14.90 -37.86 6.91
C ARG D 24 13.78 -37.89 7.96
N GLU D 25 13.62 -36.77 8.68
CA GLU D 25 12.60 -36.62 9.74
C GLU D 25 11.16 -36.71 9.24
N ASN D 26 10.95 -36.38 7.97
CA ASN D 26 9.66 -36.60 7.33
C ASN D 26 9.89 -37.29 6.00
N PRO D 27 9.64 -38.61 5.96
CA PRO D 27 9.71 -39.31 4.69
C PRO D 27 8.63 -38.79 3.75
N GLY D 28 8.96 -38.71 2.46
CA GLY D 28 8.01 -38.31 1.42
C GLY D 28 7.54 -36.87 1.47
N ILE D 29 8.28 -36.03 2.20
CA ILE D 29 8.05 -34.57 2.23
C ILE D 29 8.63 -33.93 0.96
N LYS D 30 7.86 -33.04 0.34
CA LYS D 30 8.31 -32.36 -0.89
C LYS D 30 8.81 -30.92 -0.61
N VAL D 31 9.68 -30.43 -1.49
CA VAL D 31 10.31 -29.09 -1.42
C VAL D 31 9.40 -27.98 -0.88
N THR D 32 8.13 -28.05 -1.26
CA THR D 32 7.08 -27.15 -0.80
C THR D 32 6.93 -27.20 0.72
N GLU D 33 6.84 -28.42 1.24
CA GLU D 33 6.66 -28.67 2.67
C GLU D 33 7.99 -28.56 3.44
N VAL D 34 9.08 -28.94 2.78
CA VAL D 34 10.45 -28.74 3.27
C VAL D 34 10.70 -27.26 3.57
N ALA D 35 10.59 -26.42 2.53
CA ALA D 35 10.76 -24.97 2.66
C ALA D 35 9.89 -24.38 3.78
N LYS D 36 8.62 -24.79 3.83
CA LYS D 36 7.72 -24.43 4.94
C LYS D 36 8.31 -24.83 6.29
N ARG D 37 8.70 -26.09 6.42
CA ARG D 37 9.23 -26.64 7.67
C ARG D 37 10.56 -25.98 8.05
N GLY D 38 11.35 -25.64 7.04
CA GLY D 38 12.62 -24.93 7.24
C GLY D 38 12.40 -23.70 8.11
N GLY D 39 11.48 -22.84 7.68
CA GLY D 39 11.03 -21.70 8.48
C GLY D 39 10.83 -22.06 9.93
N GLU D 40 9.77 -22.83 10.19
CA GLU D 40 9.36 -23.21 11.56
C GLU D 40 10.51 -23.73 12.45
N LEU D 41 11.62 -24.12 11.83
CA LEU D 41 12.79 -24.67 12.52
C LEU D 41 13.91 -23.63 12.68
N TRP D 42 14.02 -22.74 11.68
CA TRP D 42 14.90 -21.56 11.73
C TRP D 42 14.35 -20.51 12.71
N ARG D 43 13.12 -20.03 12.44
CA ARG D 43 12.36 -19.13 13.34
C ARG D 43 12.21 -19.75 14.73
N ALA D 44 13.28 -20.38 15.20
CA ALA D 44 13.29 -21.17 16.43
C ALA D 44 14.72 -21.50 16.86
N MET D 45 15.71 -21.29 15.97
CA MET D 45 17.09 -21.69 16.26
C MET D 45 17.72 -20.80 17.33
N LYS D 46 18.70 -21.34 18.06
CA LYS D 46 19.29 -20.63 19.20
C LYS D 46 20.51 -19.77 18.82
N ASP D 47 21.67 -20.40 18.71
CA ASP D 47 22.91 -19.72 18.29
C ASP D 47 22.99 -19.65 16.76
N LYS D 48 22.34 -18.66 16.17
CA LYS D 48 22.29 -18.48 14.72
C LYS D 48 23.59 -17.95 14.12
N SER D 49 24.61 -17.78 14.95
CA SER D 49 25.80 -17.01 14.56
C SER D 49 26.61 -17.59 13.39
N GLU D 50 26.87 -18.90 13.40
CA GLU D 50 27.73 -19.52 12.37
C GLU D 50 27.25 -19.19 10.96
N TRP D 51 25.93 -19.18 10.80
CA TRP D 51 25.29 -19.01 9.49
C TRP D 51 25.25 -17.53 9.11
N GLU D 52 25.04 -16.68 10.11
CA GLU D 52 25.03 -15.24 9.93
C GLU D 52 26.41 -14.71 9.53
N ALA D 53 27.45 -15.32 10.10
CA ALA D 53 28.85 -14.98 9.80
C ALA D 53 29.15 -15.20 8.33
N LYS D 54 28.94 -16.45 7.89
CA LYS D 54 29.19 -16.89 6.54
C LYS D 54 28.42 -16.07 5.51
N ALA D 55 27.17 -15.73 5.83
CA ALA D 55 26.32 -14.94 4.94
C ALA D 55 26.89 -13.56 4.68
N ALA D 56 27.61 -13.03 5.66
CA ALA D 56 28.16 -11.69 5.58
C ALA D 56 29.49 -11.72 4.84
N LYS D 57 30.31 -12.74 5.13
CA LYS D 57 31.51 -13.00 4.32
C LYS D 57 31.11 -13.17 2.86
N ALA D 58 30.03 -13.91 2.61
CA ALA D 58 29.44 -13.97 1.30
C ALA D 58 29.03 -12.60 0.75
N LYS D 59 28.17 -11.88 1.46
CA LYS D 59 27.73 -10.56 1.02
C LYS D 59 28.91 -9.62 0.71
N ASP D 60 29.93 -9.63 1.58
CA ASP D 60 31.09 -8.76 1.41
C ASP D 60 31.82 -9.03 0.08
N ASP D 61 31.99 -10.32 -0.22
CA ASP D 61 32.67 -10.78 -1.45
C ASP D 61 31.86 -10.51 -2.70
N TYR D 62 30.55 -10.76 -2.65
CA TYR D 62 29.65 -10.41 -3.74
C TYR D 62 29.81 -8.95 -4.13
N ASP D 63 29.59 -8.04 -3.18
CA ASP D 63 29.84 -6.60 -3.37
C ASP D 63 31.23 -6.28 -3.98
N ARG D 64 32.25 -7.03 -3.56
CA ARG D 64 33.62 -6.85 -4.08
C ARG D 64 33.87 -7.60 -5.40
N ALA D 65 32.81 -8.15 -5.97
CA ALA D 65 32.88 -8.83 -7.24
C ALA D 65 31.91 -8.21 -8.23
N VAL D 66 30.90 -7.51 -7.72
CA VAL D 66 29.98 -6.78 -8.57
C VAL D 66 30.64 -5.46 -8.97
N LYS D 67 31.65 -5.07 -8.20
CA LYS D 67 32.48 -3.90 -8.51
C LYS D 67 33.47 -4.23 -9.63
N GLU D 68 34.12 -5.39 -9.53
CA GLU D 68 35.06 -5.86 -10.53
C GLU D 68 34.37 -6.03 -11.89
N PHE D 69 33.25 -6.74 -11.92
CA PHE D 69 32.53 -7.05 -13.16
C PHE D 69 32.06 -5.80 -13.93
N GLU D 70 31.44 -4.87 -13.23
CA GLU D 70 30.99 -3.59 -13.82
C GLU D 70 32.17 -2.62 -14.04
N ALA D 71 33.40 -3.13 -13.92
CA ALA D 71 34.62 -2.39 -14.26
C ALA D 71 35.43 -3.08 -15.38
N ASN D 72 35.82 -4.34 -15.15
CA ASN D 72 36.59 -5.11 -16.14
C ASN D 72 35.69 -5.90 -17.08
N GLY D 73 36.00 -7.19 -17.26
CA GLY D 73 35.38 -8.04 -18.28
C GLY D 73 33.91 -8.38 -18.08
N SER E 1 -8.83 12.01 -10.42
CA SER E 1 -9.26 12.71 -9.17
C SER E 1 -8.16 13.65 -8.64
N ASP E 2 -8.43 14.96 -8.70
CA ASP E 2 -7.48 15.96 -8.21
C ASP E 2 -7.94 16.66 -6.91
N LYS E 3 -9.24 16.96 -6.82
CA LYS E 3 -9.81 17.69 -5.68
C LYS E 3 -9.81 16.83 -4.40
N PRO E 4 -9.11 17.30 -3.35
CA PRO E 4 -9.02 16.55 -2.08
C PRO E 4 -10.38 16.35 -1.40
N LYS E 5 -10.73 15.09 -1.14
CA LYS E 5 -11.97 14.72 -0.47
C LYS E 5 -12.00 15.33 0.93
N ARG E 6 -13.17 15.84 1.31
CA ARG E 6 -13.43 16.30 2.68
C ARG E 6 -13.00 15.23 3.70
N PRO E 7 -12.42 15.65 4.84
CA PRO E 7 -11.99 14.72 5.87
C PRO E 7 -13.17 13.97 6.47
N LEU E 8 -12.93 12.80 7.08
CA LEU E 8 -14.01 12.04 7.68
C LEU E 8 -14.35 12.58 9.05
N SER E 9 -15.65 12.71 9.31
CA SER E 9 -16.14 13.20 10.59
C SER E 9 -15.91 12.16 11.68
N ALA E 10 -15.95 12.63 12.93
CA ALA E 10 -15.83 11.75 14.08
C ALA E 10 -16.83 10.59 14.00
N TYR E 11 -18.07 10.90 13.64
CA TYR E 11 -19.10 9.87 13.49
C TYR E 11 -18.63 8.82 12.50
N ALA E 12 -18.30 9.24 11.27
CA ALA E 12 -17.78 8.34 10.24
C ALA E 12 -16.63 7.42 10.69
N LEU E 13 -15.60 7.98 11.33
CA LEU E 13 -14.48 7.16 11.75
C LEU E 13 -14.86 6.15 12.82
N TRP E 14 -15.84 6.52 13.66
CA TRP E 14 -16.41 5.57 14.61
C TRP E 14 -17.16 4.48 13.87
N LEU E 15 -18.15 4.89 13.08
CA LEU E 15 -18.99 3.98 12.26
C LEU E 15 -18.16 2.97 11.50
N ASN E 16 -17.16 3.45 10.78
CA ASN E 16 -16.18 2.58 10.09
C ASN E 16 -15.63 1.47 10.96
N SER E 17 -15.64 1.68 12.28
CA SER E 17 -15.13 0.72 13.24
C SER E 17 -16.20 0.20 14.19
N ALA E 18 -17.45 0.19 13.76
CA ALA E 18 -18.54 -0.41 14.55
C ALA E 18 -19.50 -1.16 13.62
N ARG E 19 -19.22 -1.08 12.32
CA ARG E 19 -20.07 -1.64 11.32
C ARG E 19 -20.28 -3.14 11.52
N GLU E 20 -19.21 -3.85 11.90
CA GLU E 20 -19.32 -5.28 12.14
C GLU E 20 -19.89 -5.63 13.51
N SER E 21 -19.72 -4.74 14.48
CA SER E 21 -20.40 -4.93 15.76
C SER E 21 -21.92 -4.87 15.57
N ILE E 22 -22.40 -3.76 14.99
CA ILE E 22 -23.80 -3.55 14.68
C ILE E 22 -24.36 -4.74 13.90
N LYS E 23 -23.67 -5.12 12.83
CA LYS E 23 -24.09 -6.25 11.99
C LYS E 23 -24.22 -7.55 12.79
N ARG E 24 -23.27 -7.80 13.70
CA ARG E 24 -23.26 -8.97 14.57
C ARG E 24 -24.36 -8.91 15.63
N GLU E 25 -24.62 -7.72 16.16
CA GLU E 25 -25.69 -7.50 17.14
C GLU E 25 -27.10 -7.51 16.52
N ASN E 26 -27.18 -7.30 15.21
CA ASN E 26 -28.46 -7.27 14.51
C ASN E 26 -28.54 -8.27 13.35
N PRO E 27 -28.57 -9.57 13.65
CA PRO E 27 -28.60 -10.54 12.56
C PRO E 27 -29.78 -10.31 11.64
N GLY E 28 -29.55 -10.44 10.34
CA GLY E 28 -30.60 -10.30 9.32
C GLY E 28 -31.14 -8.89 9.23
N ILE E 29 -30.23 -7.93 9.24
CA ILE E 29 -30.58 -6.51 9.31
C ILE E 29 -30.64 -5.84 7.94
N LYS E 30 -31.79 -5.23 7.63
CA LYS E 30 -31.96 -4.42 6.41
C LYS E 30 -30.94 -3.28 6.36
N VAL E 31 -30.31 -3.12 5.20
CA VAL E 31 -29.12 -2.25 5.05
C VAL E 31 -29.41 -0.75 5.26
N THR E 32 -30.65 -0.43 5.63
CA THR E 32 -31.05 0.92 6.08
C THR E 32 -31.02 1.05 7.61
N GLU E 33 -31.62 0.07 8.31
CA GLU E 33 -31.70 0.06 9.78
C GLU E 33 -30.33 0.10 10.47
N VAL E 34 -29.33 -0.56 9.86
CA VAL E 34 -27.93 -0.49 10.32
C VAL E 34 -27.42 0.95 10.44
N ALA E 35 -27.91 1.82 9.56
CA ALA E 35 -27.48 3.21 9.57
C ALA E 35 -28.13 3.95 10.71
N LYS E 36 -29.44 3.72 10.90
CA LYS E 36 -30.18 4.35 12.00
C LYS E 36 -29.68 3.87 13.36
N ARG E 37 -29.25 2.61 13.43
CA ARG E 37 -28.65 2.06 14.64
C ARG E 37 -27.40 2.81 15.06
N GLY E 38 -26.53 3.09 14.08
CA GLY E 38 -25.33 3.87 14.32
C GLY E 38 -25.67 5.25 14.91
N GLY E 39 -26.68 5.90 14.34
CA GLY E 39 -27.16 7.17 14.90
C GLY E 39 -27.57 7.03 16.35
N GLU E 40 -28.39 6.03 16.63
CA GLU E 40 -28.82 5.72 18.00
C GLU E 40 -27.65 5.42 18.94
N LEU E 41 -26.61 4.76 18.43
CA LEU E 41 -25.44 4.45 19.26
C LEU E 41 -24.51 5.64 19.39
N TRP E 42 -24.42 6.43 18.33
CA TRP E 42 -23.57 7.62 18.31
C TRP E 42 -24.09 8.63 19.34
N ARG E 43 -25.40 8.89 19.31
CA ARG E 43 -26.05 9.76 20.30
C ARG E 43 -25.92 9.19 21.73
N ALA E 44 -26.21 7.89 21.87
CA ALA E 44 -26.15 7.18 23.16
C ALA E 44 -24.74 6.99 23.73
N MET E 45 -23.72 7.33 22.93
CA MET E 45 -22.35 7.31 23.44
C MET E 45 -22.13 8.43 24.47
N LYS E 46 -20.96 8.43 25.11
CA LYS E 46 -20.61 9.43 26.11
C LYS E 46 -19.17 9.87 25.94
N ASP E 47 -18.26 8.90 25.94
CA ASP E 47 -16.85 9.18 25.72
C ASP E 47 -16.55 9.30 24.21
N LYS E 48 -17.09 10.34 23.60
CA LYS E 48 -16.83 10.63 22.18
C LYS E 48 -15.44 11.23 21.93
N SER E 49 -14.59 11.16 22.96
CA SER E 49 -13.31 11.85 22.97
C SER E 49 -12.27 11.23 22.03
N GLU E 50 -12.29 9.91 21.90
CA GLU E 50 -11.39 9.19 20.98
C GLU E 50 -11.60 9.64 19.51
N TRP E 51 -12.86 9.63 19.08
CA TRP E 51 -13.20 9.89 17.69
C TRP E 51 -13.14 11.38 17.31
N GLU E 52 -13.32 12.25 18.29
CA GLU E 52 -13.16 13.68 18.07
C GLU E 52 -11.70 14.03 17.86
N ALA E 53 -10.84 13.44 18.69
CA ALA E 53 -9.40 13.66 18.61
C ALA E 53 -8.84 13.17 17.28
N LYS E 54 -9.31 11.99 16.85
CA LYS E 54 -8.89 11.41 15.58
C LYS E 54 -9.35 12.21 14.35
N ALA E 55 -10.55 12.77 14.39
CA ALA E 55 -11.10 13.55 13.25
C ALA E 55 -10.49 14.94 13.14
N ALA E 56 -9.86 15.40 14.21
CA ALA E 56 -9.14 16.66 14.19
C ALA E 56 -7.86 16.46 13.41
N LYS E 57 -7.21 15.33 13.65
CA LYS E 57 -6.00 14.95 12.95
C LYS E 57 -6.24 14.81 11.44
N ALA E 58 -7.43 14.36 11.07
CA ALA E 58 -7.85 14.31 9.66
C ALA E 58 -7.85 15.71 9.05
N LYS E 59 -8.49 16.65 9.73
CA LYS E 59 -8.50 18.05 9.30
C LYS E 59 -7.11 18.63 9.12
N ASP E 60 -6.19 18.25 10.00
CA ASP E 60 -4.82 18.73 9.91
C ASP E 60 -4.15 18.30 8.61
N ASP E 61 -4.16 16.99 8.34
CA ASP E 61 -3.63 16.42 7.10
C ASP E 61 -4.37 16.98 5.89
N TYR E 62 -5.66 17.22 6.06
CA TYR E 62 -6.53 17.71 4.98
C TYR E 62 -6.22 19.16 4.60
N ASP E 63 -5.99 19.99 5.61
CA ASP E 63 -5.73 21.41 5.40
C ASP E 63 -4.51 21.58 4.52
N ARG E 64 -3.41 20.94 4.91
CA ARG E 64 -2.16 20.93 4.14
C ARG E 64 -2.42 20.56 2.67
N ALA E 65 -3.21 19.51 2.46
CA ALA E 65 -3.52 19.02 1.11
C ALA E 65 -4.25 20.04 0.24
N VAL E 66 -5.38 20.55 0.73
CA VAL E 66 -6.15 21.60 0.03
C VAL E 66 -5.30 22.84 -0.28
N LYS E 67 -4.57 23.31 0.73
CA LYS E 67 -3.64 24.45 0.59
C LYS E 67 -2.51 24.13 -0.40
N GLU E 68 -2.06 22.87 -0.41
CA GLU E 68 -1.01 22.40 -1.31
C GLU E 68 -1.52 22.25 -2.75
N PHE E 69 -2.80 21.91 -2.88
CA PHE E 69 -3.48 21.77 -4.16
C PHE E 69 -3.75 23.14 -4.76
N GLU E 70 -4.44 24.00 -4.00
CA GLU E 70 -4.83 25.35 -4.45
C GLU E 70 -3.64 26.24 -4.83
N ALA E 71 -2.48 25.97 -4.24
CA ALA E 71 -1.27 26.72 -4.54
C ALA E 71 -0.48 26.11 -5.69
N ASN E 72 -0.08 24.84 -5.56
CA ASN E 72 0.73 24.16 -6.58
C ASN E 72 -0.07 23.62 -7.78
N GLY E 73 -0.94 24.46 -8.34
CA GLY E 73 -1.77 24.10 -9.48
C GLY E 73 -2.82 23.05 -9.13
N SER F 1 -13.57 -30.98 -2.80
CA SER F 1 -13.85 -32.22 -3.61
C SER F 1 -12.62 -32.69 -4.40
N ASP F 2 -12.01 -31.75 -5.14
CA ASP F 2 -10.90 -32.07 -6.06
C ASP F 2 -9.94 -30.90 -6.25
N LYS F 3 -8.75 -31.05 -5.67
CA LYS F 3 -7.65 -30.10 -5.78
C LYS F 3 -7.71 -29.44 -7.17
N PRO F 4 -7.94 -28.12 -7.21
CA PRO F 4 -8.15 -27.53 -8.53
C PRO F 4 -6.84 -27.55 -9.27
N LYS F 5 -6.88 -28.05 -10.50
CA LYS F 5 -5.72 -28.10 -11.38
C LYS F 5 -5.04 -26.73 -11.44
N ARG F 6 -3.71 -26.71 -11.48
CA ARG F 6 -2.96 -25.48 -11.64
C ARG F 6 -3.49 -24.70 -12.85
N PRO F 7 -3.51 -23.35 -12.79
CA PRO F 7 -4.08 -22.60 -13.92
C PRO F 7 -3.06 -22.52 -15.04
N LEU F 8 -3.49 -22.09 -16.23
CA LEU F 8 -2.56 -22.04 -17.35
C LEU F 8 -1.68 -20.82 -17.26
N SER F 9 -0.43 -20.96 -17.70
CA SER F 9 0.50 -19.84 -17.74
C SER F 9 0.18 -18.95 -18.95
N ALA F 10 0.85 -17.80 -19.04
CA ALA F 10 0.64 -16.89 -20.16
C ALA F 10 1.10 -17.55 -21.45
N TYR F 11 2.29 -18.14 -21.43
CA TYR F 11 2.82 -18.76 -22.65
C TYR F 11 1.97 -19.94 -23.05
N ALA F 12 1.38 -20.64 -22.08
CA ALA F 12 0.52 -21.78 -22.37
C ALA F 12 -0.74 -21.32 -23.09
N LEU F 13 -1.38 -20.27 -22.58
CA LEU F 13 -2.59 -19.75 -23.21
C LEU F 13 -2.29 -19.22 -24.59
N TRP F 14 -1.16 -18.54 -24.77
CA TRP F 14 -0.79 -18.05 -26.09
C TRP F 14 -0.56 -19.18 -27.08
N LEU F 15 0.37 -20.07 -26.75
CA LEU F 15 0.62 -21.27 -27.54
C LEU F 15 -0.65 -21.98 -27.97
N ASN F 16 -1.63 -22.11 -27.07
CA ASN F 16 -2.93 -22.71 -27.45
C ASN F 16 -3.51 -22.02 -28.67
N SER F 17 -3.64 -20.69 -28.61
CA SER F 17 -4.22 -19.91 -29.70
C SER F 17 -3.40 -19.89 -31.00
N ALA F 18 -2.12 -20.25 -30.91
CA ALA F 18 -1.19 -20.07 -32.03
C ALA F 18 -0.54 -21.37 -32.52
N ARG F 19 -0.95 -22.50 -31.93
CA ARG F 19 -0.41 -23.78 -32.32
C ARG F 19 -0.72 -24.11 -33.79
N GLU F 20 -1.98 -23.96 -34.18
CA GLU F 20 -2.39 -24.24 -35.56
C GLU F 20 -1.60 -23.46 -36.59
N SER F 21 -1.30 -22.21 -36.25
CA SER F 21 -0.52 -21.36 -37.13
C SER F 21 0.92 -21.85 -37.30
N ILE F 22 1.56 -22.18 -36.19
CA ILE F 22 2.91 -22.69 -36.16
C ILE F 22 3.01 -24.01 -36.92
N LYS F 23 1.95 -24.82 -36.86
CA LYS F 23 1.86 -26.08 -37.61
C LYS F 23 1.59 -25.86 -39.10
N ARG F 24 0.74 -24.89 -39.42
CA ARG F 24 0.51 -24.50 -40.81
C ARG F 24 1.75 -23.98 -41.51
N GLU F 25 2.52 -23.12 -40.85
CA GLU F 25 3.71 -22.51 -41.48
C GLU F 25 4.88 -23.49 -41.53
N ASN F 26 4.74 -24.58 -40.80
CA ASN F 26 5.79 -25.58 -40.72
C ASN F 26 5.23 -26.98 -40.90
N PRO F 27 4.82 -27.31 -42.14
CA PRO F 27 4.12 -28.57 -42.41
C PRO F 27 4.92 -29.78 -41.95
N GLY F 28 4.28 -30.62 -41.13
CA GLY F 28 4.89 -31.85 -40.64
C GLY F 28 5.90 -31.64 -39.52
N ILE F 29 5.84 -30.46 -38.91
CA ILE F 29 6.64 -30.14 -37.72
C ILE F 29 6.37 -31.18 -36.64
N LYS F 30 7.44 -31.77 -36.10
CA LYS F 30 7.31 -32.73 -35.01
C LYS F 30 6.92 -32.06 -33.69
N VAL F 31 6.65 -32.87 -32.67
CA VAL F 31 6.14 -32.37 -31.39
C VAL F 31 7.06 -31.32 -30.72
N THR F 32 8.36 -31.60 -30.68
CA THR F 32 9.32 -30.77 -29.95
C THR F 32 9.56 -29.42 -30.62
N GLU F 33 9.66 -29.42 -31.95
CA GLU F 33 9.98 -28.21 -32.68
C GLU F 33 8.87 -27.15 -32.60
N VAL F 34 7.65 -27.57 -32.30
CA VAL F 34 6.53 -26.63 -32.12
C VAL F 34 6.80 -25.83 -30.86
N ALA F 35 7.11 -26.54 -29.77
CA ALA F 35 7.46 -25.91 -28.50
C ALA F 35 8.64 -24.94 -28.70
N LYS F 36 9.75 -25.47 -29.23
CA LYS F 36 10.88 -24.65 -29.64
C LYS F 36 10.44 -23.37 -30.38
N ARG F 37 9.81 -23.51 -31.55
CA ARG F 37 9.40 -22.35 -32.33
C ARG F 37 8.41 -21.48 -31.56
N GLY F 38 7.46 -22.11 -30.87
CA GLY F 38 6.54 -21.41 -29.97
C GLY F 38 7.32 -20.60 -28.95
N GLY F 39 8.33 -21.22 -28.36
CA GLY F 39 9.24 -20.55 -27.43
C GLY F 39 9.91 -19.35 -28.05
N GLU F 40 10.53 -19.55 -29.21
CA GLU F 40 11.15 -18.45 -29.97
C GLU F 40 10.16 -17.35 -30.33
N LEU F 41 8.98 -17.72 -30.78
CA LEU F 41 7.96 -16.76 -31.18
C LEU F 41 7.46 -15.98 -29.98
N TRP F 42 7.53 -16.62 -28.81
CA TRP F 42 7.13 -16.03 -27.55
C TRP F 42 8.16 -15.00 -27.09
N ARG F 43 9.41 -15.44 -26.94
CA ARG F 43 10.51 -14.58 -26.56
C ARG F 43 10.63 -13.34 -27.45
N ALA F 44 10.17 -13.46 -28.70
CA ALA F 44 10.18 -12.35 -29.65
C ALA F 44 8.85 -11.58 -29.73
N MET F 45 7.94 -11.85 -28.81
CA MET F 45 6.60 -11.25 -28.82
C MET F 45 6.63 -9.81 -28.33
N LYS F 46 5.86 -8.95 -28.99
CA LYS F 46 5.89 -7.52 -28.70
C LYS F 46 4.86 -7.09 -27.66
N ASP F 47 3.59 -7.38 -27.92
CA ASP F 47 2.50 -7.03 -27.01
C ASP F 47 1.80 -8.27 -26.40
N LYS F 48 2.28 -8.67 -25.22
CA LYS F 48 1.67 -9.76 -24.45
C LYS F 48 0.59 -9.22 -23.48
N SER F 49 -0.33 -8.42 -24.04
CA SER F 49 -1.41 -7.80 -23.27
C SER F 49 -2.40 -8.87 -22.79
N GLU F 50 -3.22 -9.35 -23.71
CA GLU F 50 -4.22 -10.39 -23.48
C GLU F 50 -3.74 -11.59 -22.63
N TRP F 51 -2.54 -12.09 -22.90
CA TRP F 51 -2.09 -13.36 -22.30
C TRP F 51 -1.52 -13.25 -20.87
N GLU F 52 -0.96 -12.10 -20.51
CA GLU F 52 -0.56 -11.83 -19.14
C GLU F 52 -1.74 -11.38 -18.26
N ALA F 53 -2.75 -10.77 -18.90
CA ALA F 53 -4.01 -10.40 -18.24
C ALA F 53 -4.75 -11.64 -17.73
N LYS F 54 -4.97 -12.57 -18.66
CA LYS F 54 -5.75 -13.77 -18.40
C LYS F 54 -5.03 -14.69 -17.42
N ALA F 55 -3.71 -14.85 -17.58
CA ALA F 55 -2.97 -15.83 -16.78
C ALA F 55 -2.89 -15.40 -15.32
N ALA F 56 -3.00 -14.09 -15.11
CA ALA F 56 -3.05 -13.49 -13.78
C ALA F 56 -4.46 -13.65 -13.18
N LYS F 57 -5.48 -13.42 -14.00
CA LYS F 57 -6.86 -13.66 -13.59
C LYS F 57 -7.07 -15.13 -13.23
N ALA F 58 -6.68 -16.02 -14.14
CA ALA F 58 -6.80 -17.44 -13.94
C ALA F 58 -6.12 -17.90 -12.66
N LYS F 59 -5.09 -17.18 -12.25
CA LYS F 59 -4.33 -17.49 -11.04
C LYS F 59 -5.09 -17.01 -9.81
N ASP F 60 -5.62 -15.80 -9.90
CA ASP F 60 -6.42 -15.22 -8.84
C ASP F 60 -7.53 -16.17 -8.44
N ASP F 61 -8.29 -16.63 -9.44
CA ASP F 61 -9.36 -17.60 -9.23
C ASP F 61 -8.83 -18.87 -8.62
N TYR F 62 -7.84 -19.46 -9.26
CA TYR F 62 -7.21 -20.66 -8.75
C TYR F 62 -6.84 -20.53 -7.26
N ASP F 63 -6.27 -19.40 -6.88
CA ASP F 63 -5.90 -19.13 -5.48
C ASP F 63 -7.12 -19.05 -4.57
N ARG F 64 -8.20 -18.47 -5.09
CA ARG F 64 -9.46 -18.36 -4.38
C ARG F 64 -10.08 -19.75 -4.23
N ALA F 65 -10.00 -20.53 -5.30
CA ALA F 65 -10.49 -21.90 -5.32
C ALA F 65 -9.65 -22.84 -4.43
N VAL F 66 -8.35 -22.56 -4.30
CA VAL F 66 -7.46 -23.39 -3.50
C VAL F 66 -7.83 -23.22 -2.03
N LYS F 67 -8.11 -21.97 -1.66
CA LYS F 67 -8.68 -21.63 -0.38
C LYS F 67 -9.95 -22.46 -0.17
N GLU F 68 -10.85 -22.39 -1.17
CA GLU F 68 -12.14 -23.07 -1.15
C GLU F 68 -12.03 -24.58 -0.89
N PHE F 69 -11.08 -25.24 -1.54
CA PHE F 69 -10.84 -26.66 -1.33
C PHE F 69 -10.47 -26.98 0.13
N GLU F 70 -9.69 -26.10 0.76
CA GLU F 70 -9.32 -26.25 2.18
C GLU F 70 -10.38 -25.72 3.13
N ALA F 71 -11.21 -24.81 2.65
CA ALA F 71 -12.34 -24.28 3.42
C ALA F 71 -13.44 -25.32 3.46
N ASN F 72 -14.24 -25.38 2.38
CA ASN F 72 -15.31 -26.36 2.24
C ASN F 72 -14.74 -27.71 1.79
N GLY F 73 -15.14 -28.15 0.60
CA GLY F 73 -14.58 -29.34 -0.04
C GLY F 73 -14.71 -30.61 0.79
#